data_1S05
#
_entry.id   1S05
#
loop_
_entity.id
_entity.type
_entity.pdbx_description
1 polymer 'Cytochrome c-556'
2 non-polymer 'HEME C'
#
_entity_poly.entity_id   1
_entity_poly.type   'polypeptide(L)'
_entity_poly.pdbx_seq_one_letter_code
;QQDLVDKTQKLMKDNGRNMMVLGAIAKGEKPYDQAAVDAALKQFDETAKDLPKLFPDSVKGLKPFDSKYSSSPKIWAERA
KFDTEIADFAKAVDGAKGKIKDVDTLKAAMQPIGKACGNCHENFRDKEG
;
_entity_poly.pdbx_strand_id   A
#
# COMPACT_ATOMS: atom_id res chain seq x y z
N GLN A 1 21.10 -3.67 -1.33
CA GLN A 1 20.93 -4.79 -2.22
C GLN A 1 20.74 -6.09 -1.42
N GLN A 2 21.65 -6.28 -0.46
CA GLN A 2 21.60 -7.47 0.38
C GLN A 2 20.17 -7.73 0.84
N ASP A 3 19.62 -6.74 1.54
CA ASP A 3 18.25 -6.86 2.04
C ASP A 3 17.40 -5.73 1.45
N LEU A 4 16.82 -6.03 0.30
CA LEU A 4 15.98 -5.05 -0.38
C LEU A 4 14.60 -5.66 -0.62
N VAL A 5 14.61 -6.85 -1.20
CA VAL A 5 13.37 -7.55 -1.50
C VAL A 5 12.49 -7.58 -0.24
N ASP A 6 13.16 -7.65 0.90
CA ASP A 6 12.47 -7.70 2.17
C ASP A 6 12.07 -6.28 2.59
N LYS A 7 13.07 -5.39 2.54
CA LYS A 7 12.83 -4.00 2.90
C LYS A 7 11.55 -3.51 2.25
N THR A 8 11.32 -3.97 1.03
CA THR A 8 10.13 -3.59 0.29
C THR A 8 8.93 -4.39 0.77
N GLN A 9 9.14 -5.70 0.92
CA GLN A 9 8.08 -6.59 1.36
C GLN A 9 7.48 -6.07 2.67
N LYS A 10 8.35 -5.73 3.60
CA LYS A 10 7.92 -5.21 4.89
C LYS A 10 7.21 -3.88 4.69
N LEU A 11 7.77 -3.07 3.80
CA LEU A 11 7.20 -1.77 3.52
C LEU A 11 5.76 -1.94 3.03
N MET A 12 5.59 -2.85 2.09
CA MET A 12 4.27 -3.12 1.54
C MET A 12 3.43 -3.94 2.51
N LYS A 13 4.11 -4.79 3.26
CA LYS A 13 3.44 -5.64 4.23
C LYS A 13 2.95 -4.78 5.40
N ASP A 14 3.63 -3.66 5.60
CA ASP A 14 3.27 -2.75 6.68
C ASP A 14 1.89 -2.14 6.38
N ASN A 15 1.61 -2.01 5.09
CA ASN A 15 0.34 -1.44 4.67
C ASN A 15 -0.81 -2.14 5.42
N GLY A 16 -0.67 -3.44 5.57
CA GLY A 16 -1.67 -4.24 6.25
C GLY A 16 -1.47 -4.16 7.78
N ARG A 17 -0.22 -4.01 8.17
CA ARG A 17 0.12 -3.93 9.58
C ARG A 17 -0.49 -2.66 10.19
N ASN A 18 -0.49 -1.60 9.41
CA ASN A 18 -1.03 -0.33 9.85
C ASN A 18 -2.55 -0.34 9.70
N MET A 19 -3.00 -1.05 8.67
CA MET A 19 -4.43 -1.15 8.41
C MET A 19 -5.11 -2.07 9.42
N MET A 20 -4.28 -2.76 10.20
CA MET A 20 -4.78 -3.68 11.20
C MET A 20 -6.02 -3.10 11.91
N VAL A 21 -5.80 -1.96 12.57
CA VAL A 21 -6.88 -1.30 13.27
C VAL A 21 -7.96 -0.87 12.28
N LEU A 22 -7.50 -0.24 11.20
CA LEU A 22 -8.42 0.22 10.17
C LEU A 22 -9.32 -0.94 9.73
N GLY A 23 -8.79 -2.14 9.88
CA GLY A 23 -9.52 -3.34 9.50
C GLY A 23 -10.57 -3.69 10.56
N ALA A 24 -10.09 -3.94 11.76
CA ALA A 24 -10.97 -4.29 12.87
C ALA A 24 -12.22 -3.41 12.81
N ILE A 25 -11.99 -2.11 12.79
CA ILE A 25 -13.09 -1.16 12.74
C ILE A 25 -13.92 -1.41 11.48
N ALA A 26 -13.20 -1.56 10.36
CA ALA A 26 -13.86 -1.81 9.09
C ALA A 26 -14.79 -3.02 9.22
N LYS A 27 -14.26 -4.06 9.84
CA LYS A 27 -15.03 -5.28 10.04
C LYS A 27 -16.13 -5.03 11.07
N GLY A 28 -15.73 -4.39 12.16
CA GLY A 28 -16.68 -4.08 13.22
C GLY A 28 -16.10 -4.45 14.59
N GLU A 29 -14.85 -4.06 14.79
CA GLU A 29 -14.17 -4.34 16.05
C GLU A 29 -13.75 -3.03 16.73
N LYS A 30 -13.79 -3.06 18.06
CA LYS A 30 -13.41 -1.89 18.83
C LYS A 30 -14.27 -0.70 18.40
N PRO A 31 -14.61 0.16 19.40
CA PRO A 31 -15.42 1.33 19.13
C PRO A 31 -14.60 2.42 18.42
N TYR A 32 -13.92 2.00 17.36
CA TYR A 32 -13.11 2.92 16.58
C TYR A 32 -12.10 3.64 17.47
N ASP A 33 -11.09 4.22 16.83
CA ASP A 33 -10.07 4.94 17.55
C ASP A 33 -9.85 6.31 16.90
N GLN A 34 -9.49 6.28 15.62
CA GLN A 34 -9.27 7.50 14.87
C GLN A 34 -7.80 7.94 15.00
N ALA A 35 -7.36 8.03 16.24
CA ALA A 35 -5.98 8.43 16.51
C ALA A 35 -5.04 7.30 16.12
N ALA A 36 -5.56 6.08 16.21
CA ALA A 36 -4.78 4.90 15.88
C ALA A 36 -4.64 4.81 14.36
N VAL A 37 -5.68 5.25 13.66
CA VAL A 37 -5.68 5.22 12.21
C VAL A 37 -4.89 6.42 11.68
N ASP A 38 -5.05 7.55 12.37
CA ASP A 38 -4.37 8.76 11.97
C ASP A 38 -2.94 8.41 11.53
N ALA A 39 -2.22 7.76 12.43
CA ALA A 39 -0.84 7.37 12.15
C ALA A 39 -0.83 6.42 10.95
N ALA A 40 -1.51 5.29 11.12
CA ALA A 40 -1.58 4.30 10.07
C ALA A 40 -2.02 4.96 8.76
N LEU A 41 -2.62 6.13 8.90
CA LEU A 41 -3.09 6.89 7.75
C LEU A 41 -1.89 7.53 7.05
N LYS A 42 -1.23 8.42 7.77
CA LYS A 42 -0.06 9.10 7.24
C LYS A 42 1.00 8.07 6.84
N GLN A 43 0.82 6.86 7.35
CA GLN A 43 1.75 5.78 7.05
C GLN A 43 1.61 5.34 5.59
N PHE A 44 0.43 5.56 5.05
CA PHE A 44 0.15 5.20 3.66
C PHE A 44 0.93 6.10 2.71
N ASP A 45 1.10 7.34 3.12
CA ASP A 45 1.81 8.32 2.30
C ASP A 45 3.30 8.00 2.34
N GLU A 46 3.88 8.10 3.53
CA GLU A 46 5.30 7.83 3.70
C GLU A 46 5.69 6.56 2.94
N THR A 47 5.00 5.48 3.26
CA THR A 47 5.26 4.21 2.61
C THR A 47 5.12 4.33 1.10
N ALA A 48 4.33 5.31 0.69
CA ALA A 48 4.09 5.55 -0.73
C ALA A 48 5.06 6.63 -1.22
N LYS A 49 6.13 6.81 -0.47
CA LYS A 49 7.13 7.81 -0.82
C LYS A 49 8.52 7.17 -0.79
N ASP A 50 8.53 5.89 -0.47
CA ASP A 50 9.78 5.14 -0.40
C ASP A 50 9.61 3.79 -1.11
N LEU A 51 8.41 3.59 -1.65
CA LEU A 51 8.10 2.36 -2.35
C LEU A 51 8.66 2.43 -3.78
N PRO A 52 8.36 3.58 -4.44
CA PRO A 52 8.82 3.80 -5.80
C PRO A 52 10.32 4.12 -5.83
N LYS A 53 11.11 3.14 -5.42
CA LYS A 53 12.55 3.30 -5.40
C LYS A 53 13.21 1.93 -5.20
N LEU A 54 12.61 1.14 -4.33
CA LEU A 54 13.13 -0.19 -4.04
C LEU A 54 12.52 -1.19 -5.02
N PHE A 55 12.78 -0.95 -6.30
CA PHE A 55 12.27 -1.82 -7.34
C PHE A 55 13.30 -1.99 -8.45
N PRO A 56 14.48 -2.56 -8.06
CA PRO A 56 15.55 -2.79 -9.02
C PRO A 56 15.23 -3.99 -9.92
N ASP A 57 16.11 -4.21 -10.89
CA ASP A 57 15.94 -5.31 -11.82
C ASP A 57 16.53 -6.58 -11.21
N SER A 58 16.88 -6.49 -9.94
CA SER A 58 17.46 -7.62 -9.24
C SER A 58 16.38 -8.34 -8.43
N VAL A 59 15.17 -7.81 -8.51
CA VAL A 59 14.05 -8.39 -7.80
C VAL A 59 12.80 -8.32 -8.68
N LYS A 60 12.91 -8.90 -9.86
CA LYS A 60 11.80 -8.89 -10.80
C LYS A 60 11.44 -10.34 -11.16
N GLY A 61 12.17 -10.88 -12.12
CA GLY A 61 11.94 -12.24 -12.56
C GLY A 61 12.80 -12.57 -13.79
N LEU A 62 12.98 -13.87 -14.01
CA LEU A 62 13.78 -14.33 -15.13
C LEU A 62 15.22 -14.54 -14.68
N LYS A 63 15.42 -14.47 -13.37
CA LYS A 63 16.73 -14.65 -12.80
C LYS A 63 16.75 -14.09 -11.38
N PRO A 64 16.28 -12.82 -11.25
CA PRO A 64 16.24 -12.16 -9.96
C PRO A 64 15.09 -12.71 -9.11
N PHE A 65 14.30 -13.58 -9.71
CA PHE A 65 13.17 -14.18 -9.02
C PHE A 65 13.64 -14.90 -7.75
N ASP A 66 12.78 -14.84 -6.74
CA ASP A 66 13.08 -15.49 -5.47
C ASP A 66 11.96 -16.47 -5.13
N SER A 67 11.12 -16.73 -6.11
CA SER A 67 10.00 -17.64 -5.92
C SER A 67 9.28 -17.34 -4.60
N LYS A 68 8.87 -16.09 -4.48
CA LYS A 68 8.17 -15.65 -3.28
C LYS A 68 7.50 -14.30 -3.55
N TYR A 69 8.29 -13.37 -4.03
CA TYR A 69 7.78 -12.04 -4.34
C TYR A 69 6.51 -12.12 -5.17
N SER A 70 5.82 -10.98 -5.26
CA SER A 70 4.59 -10.91 -6.01
C SER A 70 4.46 -9.53 -6.65
N SER A 71 5.31 -9.27 -7.63
CA SER A 71 5.29 -8.00 -8.33
C SER A 71 5.58 -8.22 -9.81
N SER A 72 4.53 -8.09 -10.62
CA SER A 72 4.66 -8.27 -12.05
C SER A 72 5.81 -7.41 -12.59
N PRO A 73 6.46 -7.92 -13.68
CA PRO A 73 7.56 -7.22 -14.29
C PRO A 73 7.07 -6.02 -15.10
N LYS A 74 5.76 -5.84 -15.09
CA LYS A 74 5.14 -4.74 -15.82
C LYS A 74 5.27 -3.46 -14.99
N ILE A 75 5.85 -3.60 -13.82
CA ILE A 75 6.03 -2.47 -12.92
C ILE A 75 7.25 -1.66 -13.38
N TRP A 76 8.12 -2.32 -14.12
CA TRP A 76 9.31 -1.68 -14.62
C TRP A 76 8.94 -0.93 -15.90
N ALA A 77 7.93 -1.44 -16.58
CA ALA A 77 7.47 -0.82 -17.82
C ALA A 77 6.49 0.30 -17.49
N GLU A 78 5.53 -0.02 -16.63
CA GLU A 78 4.53 0.96 -16.24
C GLU A 78 5.08 1.85 -15.13
N ARG A 79 6.39 1.78 -14.94
CA ARG A 79 7.06 2.57 -13.92
C ARG A 79 6.39 3.95 -13.81
N ALA A 80 6.04 4.49 -14.96
CA ALA A 80 5.40 5.79 -15.00
C ALA A 80 4.02 5.70 -14.34
N LYS A 81 3.14 4.94 -14.98
CA LYS A 81 1.79 4.75 -14.46
C LYS A 81 1.86 4.20 -13.04
N PHE A 82 2.91 3.42 -12.79
CA PHE A 82 3.10 2.82 -11.49
C PHE A 82 3.21 3.89 -10.40
N ASP A 83 4.03 4.90 -10.68
CA ASP A 83 4.23 5.99 -9.75
C ASP A 83 2.92 6.79 -9.61
N THR A 84 2.48 7.33 -10.73
CA THR A 84 1.26 8.11 -10.76
C THR A 84 0.15 7.39 -10.01
N GLU A 85 0.31 6.08 -9.90
CA GLU A 85 -0.68 5.26 -9.21
C GLU A 85 -0.48 5.37 -7.70
N ILE A 86 0.76 5.19 -7.27
CA ILE A 86 1.08 5.27 -5.86
C ILE A 86 1.22 6.74 -5.45
N ALA A 87 1.19 7.60 -6.46
CA ALA A 87 1.31 9.03 -6.22
C ALA A 87 0.02 9.55 -5.59
N ASP A 88 -1.08 9.28 -6.28
CA ASP A 88 -2.39 9.71 -5.80
C ASP A 88 -2.69 9.03 -4.47
N PHE A 89 -2.25 7.80 -4.35
CA PHE A 89 -2.46 7.03 -3.14
C PHE A 89 -2.02 7.81 -1.91
N ALA A 90 -0.98 8.60 -2.09
CA ALA A 90 -0.45 9.40 -1.00
C ALA A 90 -1.31 10.66 -0.84
N LYS A 91 -1.97 11.03 -1.92
CA LYS A 91 -2.83 12.20 -1.91
C LYS A 91 -4.17 11.83 -1.28
N ALA A 92 -4.58 10.59 -1.48
CA ALA A 92 -5.83 10.10 -0.94
C ALA A 92 -5.77 10.13 0.59
N VAL A 93 -4.60 9.76 1.10
CA VAL A 93 -4.41 9.74 2.55
C VAL A 93 -4.34 11.18 3.06
N ASP A 94 -3.61 12.02 2.34
CA ASP A 94 -3.46 13.40 2.72
C ASP A 94 -4.85 14.01 2.98
N GLY A 95 -5.79 13.63 2.12
CA GLY A 95 -7.14 14.13 2.24
C GLY A 95 -7.92 13.35 3.31
N ALA A 96 -7.60 12.06 3.41
CA ALA A 96 -8.24 11.20 4.38
C ALA A 96 -7.96 11.72 5.80
N LYS A 97 -6.78 12.32 5.95
CA LYS A 97 -6.37 12.86 7.23
C LYS A 97 -7.47 13.78 7.76
N GLY A 98 -7.87 14.73 6.92
CA GLY A 98 -8.92 15.66 7.31
C GLY A 98 -10.31 15.03 7.17
N LYS A 99 -10.45 14.24 6.11
CA LYS A 99 -11.72 13.57 5.86
C LYS A 99 -12.06 12.65 7.03
N ILE A 100 -11.21 11.65 7.21
CA ILE A 100 -11.41 10.69 8.29
C ILE A 100 -11.89 11.43 9.54
N LYS A 101 -12.72 10.74 10.31
CA LYS A 101 -13.26 11.32 11.53
C LYS A 101 -14.00 10.24 12.32
N ASP A 102 -14.71 9.41 11.59
CA ASP A 102 -15.47 8.33 12.20
C ASP A 102 -15.21 7.03 11.44
N VAL A 103 -16.11 6.07 11.64
CA VAL A 103 -15.97 4.78 10.99
C VAL A 103 -16.69 4.83 9.64
N ASP A 104 -17.91 5.35 9.67
CA ASP A 104 -18.71 5.45 8.46
C ASP A 104 -17.90 6.18 7.39
N THR A 105 -17.02 7.06 7.84
CA THR A 105 -16.18 7.82 6.94
C THR A 105 -15.00 6.98 6.47
N LEU A 106 -14.49 6.17 7.39
CA LEU A 106 -13.35 5.31 7.07
C LEU A 106 -13.61 4.59 5.76
N LYS A 107 -14.82 4.08 5.62
CA LYS A 107 -15.21 3.36 4.42
C LYS A 107 -15.28 4.34 3.25
N ALA A 108 -15.54 5.60 3.59
CA ALA A 108 -15.63 6.64 2.57
C ALA A 108 -14.22 7.04 2.14
N ALA A 109 -13.34 7.15 3.12
CA ALA A 109 -11.96 7.53 2.84
C ALA A 109 -11.20 6.31 2.32
N MET A 110 -11.77 5.14 2.57
CA MET A 110 -11.16 3.90 2.14
C MET A 110 -11.55 3.56 0.71
N GLN A 111 -12.28 4.49 0.09
CA GLN A 111 -12.73 4.30 -1.28
C GLN A 111 -11.59 4.60 -2.25
N PRO A 112 -11.02 5.82 -2.12
CA PRO A 112 -9.92 6.24 -2.98
C PRO A 112 -8.62 5.53 -2.58
N ILE A 113 -8.22 5.76 -1.34
CA ILE A 113 -7.00 5.16 -0.83
C ILE A 113 -7.04 3.65 -1.06
N GLY A 114 -8.24 3.10 -0.97
CA GLY A 114 -8.43 1.67 -1.17
C GLY A 114 -8.35 1.31 -2.66
N LYS A 115 -8.34 2.35 -3.49
CA LYS A 115 -8.27 2.17 -4.92
C LYS A 115 -6.88 1.63 -5.30
N ALA A 116 -5.88 2.42 -4.95
CA ALA A 116 -4.51 2.05 -5.24
C ALA A 116 -4.14 0.79 -4.46
N CYS A 117 -5.04 0.41 -3.56
CA CYS A 117 -4.84 -0.77 -2.75
C CYS A 117 -5.04 -2.01 -3.62
N GLY A 118 -6.26 -2.15 -4.11
CA GLY A 118 -6.60 -3.29 -4.96
C GLY A 118 -6.19 -3.02 -6.41
N ASN A 119 -6.19 -1.74 -6.76
CA ASN A 119 -5.83 -1.35 -8.11
C ASN A 119 -4.35 -1.65 -8.36
N CYS A 120 -3.52 -1.20 -7.42
CA CYS A 120 -2.09 -1.42 -7.52
C CYS A 120 -1.83 -2.92 -7.38
N HIS A 121 -2.86 -3.63 -6.95
CA HIS A 121 -2.75 -5.07 -6.77
C HIS A 121 -3.03 -5.77 -8.10
N GLU A 122 -4.28 -5.72 -8.52
CA GLU A 122 -4.69 -6.34 -9.77
C GLU A 122 -3.82 -5.83 -10.92
N ASN A 123 -3.32 -4.62 -10.74
CA ASN A 123 -2.48 -4.01 -11.76
C ASN A 123 -1.05 -4.54 -11.62
N PHE A 124 -0.57 -4.55 -10.39
CA PHE A 124 0.77 -5.02 -10.10
C PHE A 124 0.79 -5.89 -8.85
N ARG A 125 0.18 -7.07 -8.98
CA ARG A 125 0.12 -8.00 -7.87
C ARG A 125 -0.69 -9.24 -8.26
N ASP A 126 0.01 -10.20 -8.86
CA ASP A 126 -0.62 -11.43 -9.29
C ASP A 126 -0.58 -12.45 -8.14
N LYS A 127 -1.45 -12.23 -7.17
CA LYS A 127 -1.52 -13.12 -6.02
C LYS A 127 -1.85 -14.54 -6.49
N GLU A 128 -1.03 -15.48 -6.03
CA GLU A 128 -1.23 -16.88 -6.40
C GLU A 128 -0.94 -17.78 -5.20
N GLY A 129 -2.00 -18.08 -4.46
CA GLY A 129 -1.88 -18.92 -3.28
C GLY A 129 -3.25 -19.30 -2.73
#